data_8T88
#
_entry.id   8T88
#
_cell.length_a   46.743
_cell.length_b   74.271
_cell.length_c   73.638
_cell.angle_alpha   90.00
_cell.angle_beta   91.70
_cell.angle_gamma   90.00
#
_symmetry.space_group_name_H-M   'P 1 21 1'
#
loop_
_entity.id
_entity.type
_entity.pdbx_description
1 polymer 'Fluorophosphonate-binding serine hydrolase E'
2 non-polymer 'methyl 2-formyl-2-[4-(undec-10-ynamido)phenyl]hydrazine-1-carboxylate'
3 non-polymer 'MAGNESIUM ION'
4 water water
#
_entity_poly.entity_id   1
_entity_poly.type   'polypeptide(L)'
_entity_poly.pdbx_seq_one_letter_code
;GPGMETLELQGAKLRYHQVGQGPVLIFIPGANGTGDIFLPLAEQLKDHFTVVAVDRRDYGESELTEPLPDSASNPDSDYR
VKRDAQDIAELAKSLSDEPVYILGSSSGSIVAMHVLKDYPEVVKKIAFHEPPINTFLPDSTYWKDKNDDIVHQILTEGLE
KGMKTFGETLNIAPIDAKMMSQPADTEEGRIEQYKRTMFWLEFEIRQYTHSNITLDDFTKYSDKITLLNGTDSRGSFPQD
VNFYINKETGIPIVDIPGGHLGYIQKPEGFADVLLNMWG
;
_entity_poly.pdbx_strand_id   A,B
#
# COMPACT_ATOMS: atom_id res chain seq x y z
N GLY A 3 -1.27 16.90 22.88
CA GLY A 3 -1.47 15.81 21.88
C GLY A 3 -2.86 15.77 21.28
N MET A 4 -2.94 15.09 20.14
CA MET A 4 -4.22 14.89 19.45
C MET A 4 -5.18 14.12 20.36
N GLU A 5 -6.47 14.50 20.32
CA GLU A 5 -7.51 13.78 21.03
C GLU A 5 -7.77 12.43 20.37
N THR A 6 -8.28 11.46 21.16
CA THR A 6 -8.59 10.14 20.63
C THR A 6 -10.00 9.72 21.00
N LEU A 7 -10.70 9.18 20.01
CA LEU A 7 -11.93 8.44 20.19
C LEU A 7 -11.71 7.02 19.68
N GLU A 8 -11.84 6.04 20.57
CA GLU A 8 -11.68 4.64 20.19
C GLU A 8 -13.00 4.11 19.62
N LEU A 9 -12.97 3.68 18.38
CA LEU A 9 -14.13 3.23 17.62
C LEU A 9 -13.89 1.80 17.16
N GLN A 10 -14.92 1.21 16.55
CA GLN A 10 -14.78 -0.16 16.07
C GLN A 10 -13.77 -0.17 14.93
N GLY A 11 -12.69 -0.89 15.16
CA GLY A 11 -11.69 -1.06 14.14
C GLY A 11 -10.72 0.09 13.96
N ALA A 12 -10.76 1.14 14.80
CA ALA A 12 -9.79 2.21 14.62
C ALA A 12 -9.73 3.08 15.87
N LYS A 13 -8.58 3.72 16.05
CA LYS A 13 -8.44 4.85 16.95
C LYS A 13 -8.49 6.13 16.12
N LEU A 14 -9.53 6.93 16.33
CA LEU A 14 -9.75 8.15 15.57
C LEU A 14 -9.09 9.32 16.31
N ARG A 15 -8.15 9.96 15.66
CA ARG A 15 -7.47 11.12 16.23
C ARG A 15 -8.02 12.41 15.62
N TYR A 16 -8.07 13.46 16.43
CA TYR A 16 -8.63 14.73 15.98
C TYR A 16 -8.05 15.87 16.82
N HIS A 17 -7.97 17.05 16.20
CA HIS A 17 -7.67 18.28 16.91
C HIS A 17 -8.95 18.89 17.47
N GLN A 18 -8.83 19.51 18.65
CA GLN A 18 -9.95 20.19 19.29
C GLN A 18 -9.49 21.55 19.81
N VAL A 19 -10.14 22.60 19.31
CA VAL A 19 -9.79 23.99 19.63
C VAL A 19 -11.08 24.75 19.88
N GLY A 20 -11.14 25.47 20.99
CA GLY A 20 -12.16 26.48 21.19
C GLY A 20 -13.24 26.07 22.18
N GLN A 21 -14.31 26.86 22.17
CA GLN A 21 -15.45 26.63 23.05
C GLN A 21 -16.70 27.11 22.31
N GLY A 22 -17.83 26.57 22.71
CA GLY A 22 -19.06 26.80 21.99
C GLY A 22 -19.55 25.54 21.32
N PRO A 23 -20.53 25.68 20.43
CA PRO A 23 -21.09 24.52 19.75
C PRO A 23 -20.01 23.82 18.93
N VAL A 24 -20.16 22.51 18.79
CA VAL A 24 -19.17 21.70 18.07
C VAL A 24 -19.30 21.97 16.59
N LEU A 25 -18.16 22.18 15.93
CA LEU A 25 -18.05 22.30 14.48
C LEU A 25 -16.98 21.32 14.01
N ILE A 26 -17.39 20.28 13.29
CA ILE A 26 -16.50 19.23 12.81
C ILE A 26 -16.09 19.52 11.38
N PHE A 27 -14.80 19.54 11.12
CA PHE A 27 -14.24 19.66 9.76
C PHE A 27 -13.76 18.32 9.28
N ILE A 28 -14.20 17.92 8.10
CA ILE A 28 -13.86 16.65 7.48
C ILE A 28 -12.93 16.91 6.31
N PRO A 29 -11.71 16.44 6.34
CA PRO A 29 -10.78 16.71 5.24
C PRO A 29 -11.06 15.88 3.99
N GLY A 30 -10.61 16.44 2.88
CA GLY A 30 -10.56 15.76 1.58
C GLY A 30 -9.35 14.87 1.43
N ALA A 31 -8.68 14.94 0.28
CA ALA A 31 -7.72 13.92 -0.07
C ALA A 31 -6.51 13.88 0.85
N ASN A 32 -6.09 15.02 1.42
CA ASN A 32 -4.96 14.99 2.33
C ASN A 32 -5.25 14.13 3.56
N GLY A 33 -6.53 13.99 3.91
CA GLY A 33 -6.97 13.05 4.92
C GLY A 33 -6.83 13.48 6.36
N THR A 34 -6.23 14.63 6.62
CA THR A 34 -5.84 15.02 7.98
C THR A 34 -6.38 16.40 8.36
N GLY A 35 -6.66 16.53 9.65
CA GLY A 35 -7.30 17.70 10.16
C GLY A 35 -6.41 18.90 10.32
N ASP A 36 -5.08 18.70 10.27
CA ASP A 36 -4.17 19.81 10.51
C ASP A 36 -4.33 20.94 9.49
N ILE A 37 -4.84 20.62 8.30
CA ILE A 37 -5.07 21.62 7.24
C ILE A 37 -6.14 22.62 7.61
N PHE A 38 -6.94 22.34 8.63
CA PHE A 38 -7.94 23.26 9.13
C PHE A 38 -7.50 24.06 10.35
N LEU A 39 -6.26 23.91 10.82
CA LEU A 39 -5.92 24.58 12.07
C LEU A 39 -5.82 26.10 11.97
N PRO A 40 -5.27 26.67 10.89
CA PRO A 40 -5.31 28.13 10.80
C PRO A 40 -6.73 28.67 10.79
N LEU A 41 -7.64 27.94 10.14
CA LEU A 41 -9.06 28.31 10.16
C LEU A 41 -9.64 28.17 11.56
N ALA A 42 -9.31 27.07 12.25
CA ALA A 42 -9.84 26.88 13.60
C ALA A 42 -9.52 28.06 14.50
N GLU A 43 -8.35 28.68 14.31
CA GLU A 43 -7.97 29.81 15.16
C GLU A 43 -8.93 30.98 15.00
N GLN A 44 -9.40 31.21 13.76
CA GLN A 44 -10.36 32.27 13.50
C GLN A 44 -11.73 31.95 14.06
N LEU A 45 -12.03 30.68 14.34
CA LEU A 45 -13.37 30.30 14.74
C LEU A 45 -13.49 29.96 16.23
N LYS A 46 -12.37 29.86 16.94
CA LYS A 46 -12.32 29.23 18.26
C LYS A 46 -13.07 30.01 19.32
N ASP A 47 -13.41 31.27 19.06
CA ASP A 47 -14.23 32.06 19.96
C ASP A 47 -15.72 31.74 19.83
N HIS A 48 -16.13 31.10 18.72
CA HIS A 48 -17.54 30.84 18.46
C HIS A 48 -17.90 29.36 18.43
N PHE A 49 -16.94 28.49 18.17
CA PHE A 49 -17.20 27.06 18.06
C PHE A 49 -16.13 26.28 18.82
N THR A 50 -16.50 25.11 19.30
CA THR A 50 -15.54 24.05 19.58
C THR A 50 -15.20 23.42 18.24
N VAL A 51 -14.03 23.76 17.69
CA VAL A 51 -13.62 23.27 16.38
C VAL A 51 -12.95 21.91 16.53
N VAL A 52 -13.41 20.96 15.74
CA VAL A 52 -12.97 19.58 15.77
C VAL A 52 -12.51 19.23 14.36
N ALA A 53 -11.20 18.98 14.18
CA ALA A 53 -10.61 18.73 12.86
C ALA A 53 -10.07 17.30 12.86
N VAL A 54 -10.69 16.41 12.10
N VAL A 54 -10.67 16.45 12.04
CA VAL A 54 -10.46 14.98 12.26
CA VAL A 54 -10.50 15.00 12.12
C VAL A 54 -9.45 14.48 11.23
C VAL A 54 -9.38 14.54 11.21
N ASP A 55 -8.57 13.58 11.69
CA ASP A 55 -7.80 12.72 10.80
C ASP A 55 -8.69 11.53 10.48
N ARG A 56 -9.15 11.40 9.25
CA ARG A 56 -10.00 10.25 8.96
C ARG A 56 -9.21 8.96 9.21
N ARG A 57 -9.92 7.88 9.48
CA ARG A 57 -9.28 6.75 10.15
C ARG A 57 -8.13 6.12 9.38
N ASP A 58 -8.09 6.26 8.05
CA ASP A 58 -7.01 5.72 7.22
C ASP A 58 -5.83 6.66 7.04
N TYR A 59 -5.80 7.79 7.77
CA TYR A 59 -4.83 8.84 7.51
C TYR A 59 -4.25 9.42 8.78
N GLY A 60 -3.09 10.06 8.62
CA GLY A 60 -2.53 10.87 9.71
C GLY A 60 -2.21 10.05 10.95
N GLU A 61 -2.61 10.59 12.11
CA GLU A 61 -2.37 9.96 13.40
C GLU A 61 -3.46 8.96 13.78
N SER A 62 -4.53 8.86 13.01
CA SER A 62 -5.51 7.80 13.27
C SER A 62 -4.88 6.46 12.94
N GLU A 63 -5.38 5.41 13.59
CA GLU A 63 -4.83 4.08 13.38
C GLU A 63 -5.95 3.05 13.24
N LEU A 64 -5.81 2.20 12.25
CA LEU A 64 -6.65 1.02 12.14
C LEU A 64 -6.17 -0.01 13.15
N THR A 65 -7.11 -0.61 13.85
CA THR A 65 -6.83 -1.69 14.78
C THR A 65 -7.10 -3.05 14.14
N GLU A 66 -7.61 -3.06 12.92
CA GLU A 66 -7.65 -4.26 12.10
C GLU A 66 -7.61 -3.88 10.62
N PRO A 67 -7.13 -4.76 9.76
CA PRO A 67 -6.86 -4.34 8.38
C PRO A 67 -8.15 -4.03 7.64
N LEU A 68 -8.00 -3.24 6.57
CA LEU A 68 -9.15 -3.00 5.71
C LEU A 68 -9.67 -4.33 5.19
N PRO A 69 -11.00 -4.49 5.08
CA PRO A 69 -11.54 -5.66 4.40
C PRO A 69 -11.03 -5.75 2.97
N ASP A 70 -10.83 -6.99 2.53
CA ASP A 70 -10.35 -7.23 1.18
C ASP A 70 -11.23 -6.52 0.14
N SER A 71 -12.54 -6.45 0.39
CA SER A 71 -13.49 -5.89 -0.58
C SER A 71 -13.38 -4.38 -0.72
N ALA A 72 -12.63 -3.71 0.16
CA ALA A 72 -12.46 -2.27 0.04
C ALA A 72 -11.79 -1.87 -1.26
N SER A 73 -11.05 -2.81 -1.87
CA SER A 73 -10.44 -2.60 -3.16
C SER A 73 -11.44 -2.52 -4.32
N ASN A 74 -12.61 -3.07 -4.16
CA ASN A 74 -13.60 -3.00 -5.22
C ASN A 74 -13.92 -1.54 -5.49
N PRO A 75 -13.98 -1.11 -6.74
CA PRO A 75 -14.27 0.30 -7.01
C PRO A 75 -15.68 0.71 -6.63
N ASP A 76 -16.63 -0.23 -6.47
CA ASP A 76 -17.97 0.13 -6.01
C ASP A 76 -18.19 -0.21 -4.54
N SER A 77 -17.13 -0.48 -3.79
CA SER A 77 -17.26 -0.73 -2.37
C SER A 77 -17.80 0.51 -1.65
N ASP A 78 -18.76 0.30 -0.74
CA ASP A 78 -19.21 1.40 0.12
C ASP A 78 -18.64 1.30 1.54
N TYR A 79 -17.70 0.39 1.78
CA TYR A 79 -17.23 0.17 3.15
C TYR A 79 -16.62 1.43 3.75
N ARG A 80 -15.65 2.03 3.07
CA ARG A 80 -14.89 3.13 3.67
C ARG A 80 -15.72 4.39 3.84
N VAL A 81 -16.52 4.77 2.83
CA VAL A 81 -17.25 6.03 2.93
C VAL A 81 -18.30 5.93 4.03
N LYS A 82 -18.94 4.75 4.19
CA LYS A 82 -19.94 4.60 5.24
C LYS A 82 -19.27 4.57 6.61
N ARG A 83 -18.10 3.92 6.70
CA ARG A 83 -17.37 3.85 7.96
C ARG A 83 -16.85 5.22 8.37
N ASP A 84 -16.42 6.03 7.40
CA ASP A 84 -16.02 7.41 7.69
C ASP A 84 -17.20 8.21 8.21
N ALA A 85 -18.38 8.07 7.57
CA ALA A 85 -19.56 8.80 8.05
C ALA A 85 -19.97 8.37 9.44
N GLN A 86 -19.92 7.07 9.73
CA GLN A 86 -20.23 6.60 11.08
C GLN A 86 -19.23 7.15 12.09
N ASP A 87 -17.94 7.23 11.72
CA ASP A 87 -16.93 7.82 12.59
C ASP A 87 -17.31 9.25 12.98
N ILE A 88 -17.72 10.06 12.01
CA ILE A 88 -18.13 11.44 12.32
C ILE A 88 -19.34 11.45 13.23
N ALA A 89 -20.33 10.58 12.97
CA ALA A 89 -21.51 10.56 13.83
C ALA A 89 -21.14 10.17 15.25
N GLU A 90 -20.28 9.16 15.41
CA GLU A 90 -19.88 8.77 16.76
C GLU A 90 -19.08 9.89 17.42
N LEU A 91 -18.26 10.58 16.66
CA LEU A 91 -17.51 11.71 17.20
C LEU A 91 -18.46 12.79 17.70
N ALA A 92 -19.43 13.16 16.86
CA ALA A 92 -20.43 14.13 17.27
C ALA A 92 -21.11 13.73 18.58
N LYS A 93 -21.55 12.46 18.66
CA LYS A 93 -22.27 12.01 19.85
C LYS A 93 -21.37 12.01 21.09
N SER A 94 -20.07 11.77 20.90
CA SER A 94 -19.16 11.71 22.04
C SER A 94 -18.84 13.10 22.59
N LEU A 95 -19.04 14.14 21.79
CA LEU A 95 -18.65 15.49 22.19
C LEU A 95 -19.83 16.40 22.49
N SER A 96 -21.04 16.01 22.09
CA SER A 96 -22.14 16.94 22.15
C SER A 96 -23.44 16.19 22.36
N ASP A 97 -24.29 16.71 23.24
N ASP A 97 -24.30 16.74 23.23
CA ASP A 97 -25.65 16.23 23.37
CA ASP A 97 -25.67 16.28 23.41
C ASP A 97 -26.53 16.76 22.25
C ASP A 97 -26.63 16.92 22.41
N GLU A 98 -26.16 17.90 21.65
CA GLU A 98 -26.94 18.55 20.61
C GLU A 98 -26.42 18.14 19.24
N PRO A 99 -27.26 18.20 18.20
CA PRO A 99 -26.71 18.10 16.83
C PRO A 99 -25.67 19.18 16.62
N VAL A 100 -24.73 18.91 15.70
CA VAL A 100 -23.53 19.70 15.57
C VAL A 100 -23.45 20.31 14.17
N TYR A 101 -22.53 21.26 14.03
CA TYR A 101 -22.18 21.83 12.73
C TYR A 101 -21.09 20.99 12.06
N ILE A 102 -21.21 20.79 10.74
CA ILE A 102 -20.26 19.92 10.01
C ILE A 102 -19.92 20.60 8.69
N LEU A 103 -18.63 20.64 8.36
CA LEU A 103 -18.20 21.08 7.04
C LEU A 103 -17.22 20.07 6.50
N GLY A 104 -17.46 19.64 5.27
CA GLY A 104 -16.54 18.75 4.59
C GLY A 104 -16.11 19.40 3.28
N SER A 105 -14.88 19.11 2.84
CA SER A 105 -14.39 19.58 1.54
C SER A 105 -13.93 18.41 0.69
N SER A 106 -14.21 18.49 -0.61
CA SER A 106 -13.74 17.47 -1.56
C SER A 106 -14.33 16.13 -1.15
N SER A 107 -13.55 15.05 -1.08
CA SER A 107 -14.13 13.78 -0.66
C SER A 107 -14.65 13.86 0.76
N GLY A 108 -14.16 14.80 1.57
CA GLY A 108 -14.71 14.99 2.91
C GLY A 108 -16.13 15.52 2.86
N SER A 109 -16.48 16.28 1.82
N SER A 109 -16.47 16.26 1.81
CA SER A 109 -17.88 16.67 1.64
CA SER A 109 -17.86 16.68 1.61
C SER A 109 -18.77 15.48 1.28
C SER A 109 -18.76 15.49 1.28
N ILE A 110 -18.21 14.47 0.61
CA ILE A 110 -18.97 13.27 0.34
C ILE A 110 -19.22 12.51 1.64
N VAL A 111 -18.19 12.38 2.50
CA VAL A 111 -18.44 11.81 3.82
C VAL A 111 -19.56 12.57 4.53
N ALA A 112 -19.52 13.91 4.47
CA ALA A 112 -20.56 14.71 5.09
C ALA A 112 -21.93 14.36 4.54
N MET A 113 -22.04 14.17 3.21
CA MET A 113 -23.32 13.77 2.64
C MET A 113 -23.82 12.47 3.24
N HIS A 114 -22.93 11.49 3.44
CA HIS A 114 -23.37 10.24 4.05
C HIS A 114 -23.69 10.41 5.53
N VAL A 115 -23.04 11.34 6.22
CA VAL A 115 -23.44 11.61 7.60
C VAL A 115 -24.88 12.09 7.61
N LEU A 116 -25.22 13.03 6.72
CA LEU A 116 -26.59 13.53 6.71
C LEU A 116 -27.58 12.43 6.33
N LYS A 117 -27.20 11.56 5.40
CA LYS A 117 -28.13 10.54 4.94
C LYS A 117 -28.43 9.51 6.03
N ASP A 118 -27.38 9.08 6.74
CA ASP A 118 -27.51 7.91 7.61
C ASP A 118 -27.57 8.26 9.09
N TYR A 119 -27.11 9.46 9.48
CA TYR A 119 -27.12 9.93 10.86
C TYR A 119 -27.62 11.37 10.92
N PRO A 120 -28.75 11.65 10.31
CA PRO A 120 -29.24 13.05 10.30
C PRO A 120 -29.43 13.61 11.70
N GLU A 121 -29.64 12.75 12.68
CA GLU A 121 -29.88 13.18 14.06
C GLU A 121 -28.67 13.90 14.65
N VAL A 122 -27.48 13.74 14.08
CA VAL A 122 -26.32 14.43 14.61
C VAL A 122 -26.07 15.76 13.91
N VAL A 123 -26.86 16.12 12.90
CA VAL A 123 -26.57 17.27 12.04
C VAL A 123 -27.50 18.44 12.38
N LYS A 124 -26.91 19.55 12.86
CA LYS A 124 -27.62 20.83 13.04
C LYS A 124 -27.63 21.63 11.75
N LYS A 125 -26.45 21.79 11.17
CA LYS A 125 -26.20 22.50 9.93
C LYS A 125 -25.00 21.82 9.29
N ILE A 126 -24.96 21.80 7.98
CA ILE A 126 -23.90 21.12 7.26
C ILE A 126 -23.58 21.92 6.01
N ALA A 127 -22.30 21.86 5.61
CA ALA A 127 -21.81 22.56 4.43
C ALA A 127 -21.00 21.60 3.58
N PHE A 128 -21.24 21.61 2.28
CA PHE A 128 -20.52 20.81 1.30
C PHE A 128 -19.64 21.75 0.48
N HIS A 129 -18.34 21.76 0.81
CA HIS A 129 -17.40 22.62 0.12
C HIS A 129 -16.82 21.84 -1.06
N GLU A 130 -17.11 22.33 -2.26
CA GLU A 130 -16.58 21.78 -3.53
C GLU A 130 -16.61 20.25 -3.58
N PRO A 131 -17.80 19.68 -3.64
CA PRO A 131 -17.94 18.22 -3.71
C PRO A 131 -17.64 17.69 -5.10
N PRO A 132 -16.95 16.57 -5.21
CA PRO A 132 -16.68 15.99 -6.52
C PRO A 132 -17.51 14.73 -6.82
N ILE A 133 -18.57 14.50 -6.06
CA ILE A 133 -19.42 13.36 -6.32
C ILE A 133 -20.11 13.55 -7.67
N ASN A 134 -20.23 12.47 -8.43
CA ASN A 134 -20.83 12.54 -9.76
C ASN A 134 -22.09 11.71 -9.92
N THR A 135 -22.48 10.92 -8.91
CA THR A 135 -23.46 9.86 -9.13
C THR A 135 -24.77 10.36 -9.68
N PHE A 136 -25.26 11.50 -9.20
CA PHE A 136 -26.58 12.04 -9.58
C PHE A 136 -26.53 13.02 -10.76
N LEU A 137 -25.36 13.26 -11.34
CA LEU A 137 -25.25 14.21 -12.44
C LEU A 137 -25.80 13.61 -13.73
N PRO A 138 -26.38 14.44 -14.59
N PRO A 138 -26.32 14.44 -14.62
CA PRO A 138 -26.81 13.89 -15.89
CA PRO A 138 -26.82 13.92 -15.90
C PRO A 138 -25.68 13.20 -16.63
C PRO A 138 -25.71 13.33 -16.77
N ASP A 139 -24.47 13.76 -16.55
CA ASP A 139 -23.28 13.23 -17.23
C ASP A 139 -22.39 12.47 -16.24
N SER A 140 -23.01 11.79 -15.29
CA SER A 140 -22.25 11.01 -14.34
C SER A 140 -21.26 10.08 -15.02
N THR A 141 -21.71 9.37 -16.07
CA THR A 141 -20.86 8.37 -16.73
C THR A 141 -19.55 8.96 -17.23
N TYR A 142 -19.59 10.18 -17.79
CA TYR A 142 -18.38 10.78 -18.30
C TYR A 142 -17.35 10.91 -17.18
N TRP A 143 -17.78 11.43 -16.02
CA TRP A 143 -16.83 11.68 -14.91
C TRP A 143 -16.41 10.39 -14.24
N LYS A 144 -17.33 9.45 -14.13
CA LYS A 144 -16.98 8.15 -13.54
C LYS A 144 -15.94 7.45 -14.38
N ASP A 145 -16.16 7.45 -15.69
CA ASP A 145 -15.23 6.78 -16.59
C ASP A 145 -13.85 7.44 -16.55
N LYS A 146 -13.81 8.79 -16.50
CA LYS A 146 -12.52 9.47 -16.37
C LYS A 146 -11.78 9.02 -15.09
N ASN A 147 -12.50 8.92 -13.98
CA ASN A 147 -11.93 8.46 -12.71
C ASN A 147 -11.45 7.03 -12.84
N ASP A 148 -12.29 6.16 -13.39
CA ASP A 148 -11.90 4.75 -13.56
C ASP A 148 -10.66 4.65 -14.44
N ASP A 149 -10.58 5.49 -15.49
CA ASP A 149 -9.47 5.40 -16.41
C ASP A 149 -8.16 5.87 -15.79
N ILE A 150 -8.20 6.93 -14.99
CA ILE A 150 -6.95 7.43 -14.43
C ILE A 150 -6.42 6.48 -13.37
N VAL A 151 -7.31 5.82 -12.61
CA VAL A 151 -6.85 4.81 -11.67
C VAL A 151 -6.24 3.62 -12.40
N HIS A 152 -6.89 3.17 -13.47
CA HIS A 152 -6.34 2.06 -14.25
C HIS A 152 -4.99 2.42 -14.84
N GLN A 153 -4.86 3.65 -15.34
CA GLN A 153 -3.61 4.08 -15.95
C GLN A 153 -2.48 4.06 -14.93
N ILE A 154 -2.73 4.67 -13.76
CA ILE A 154 -1.68 4.83 -12.75
C ILE A 154 -1.35 3.48 -12.10
N LEU A 155 -2.37 2.72 -11.72
CA LEU A 155 -2.15 1.52 -10.91
C LEU A 155 -1.90 0.28 -11.74
N THR A 156 -2.76 -0.01 -12.71
CA THR A 156 -2.65 -1.23 -13.49
C THR A 156 -1.63 -1.09 -14.62
N GLU A 157 -1.82 -0.09 -15.49
CA GLU A 157 -0.88 0.10 -16.59
C GLU A 157 0.51 0.45 -16.07
N GLY A 158 0.57 1.32 -15.05
CA GLY A 158 1.87 1.68 -14.49
C GLY A 158 2.63 0.46 -14.00
N LEU A 159 1.94 -0.45 -13.33
CA LEU A 159 2.59 -1.64 -12.80
C LEU A 159 2.99 -2.59 -13.92
N GLU A 160 2.07 -2.86 -14.85
CA GLU A 160 2.35 -3.79 -15.94
C GLU A 160 3.54 -3.34 -16.77
N LYS A 161 3.55 -2.08 -17.17
CA LYS A 161 4.66 -1.58 -17.97
C LYS A 161 5.96 -1.62 -17.16
N GLY A 162 5.89 -1.23 -15.88
CA GLY A 162 7.08 -1.23 -15.06
C GLY A 162 7.65 -2.62 -14.84
N MET A 163 6.78 -3.60 -14.62
CA MET A 163 7.27 -4.97 -14.43
C MET A 163 7.85 -5.55 -15.71
N LYS A 164 7.33 -5.15 -16.86
CA LYS A 164 7.94 -5.61 -18.11
C LYS A 164 9.33 -4.99 -18.27
N THR A 165 9.48 -3.71 -17.91
CA THR A 165 10.82 -3.11 -17.93
C THR A 165 11.77 -3.82 -16.95
N PHE A 166 11.27 -4.18 -15.78
N PHE A 166 11.26 -4.16 -15.76
CA PHE A 166 12.10 -4.90 -14.80
CA PHE A 166 12.05 -4.94 -14.81
C PHE A 166 12.60 -6.21 -15.38
C PHE A 166 12.62 -6.17 -15.49
N GLY A 167 11.72 -6.95 -16.07
CA GLY A 167 12.14 -8.19 -16.69
C GLY A 167 13.17 -7.98 -17.80
N GLU A 168 13.03 -6.89 -18.56
CA GLU A 168 14.01 -6.59 -19.60
C GLU A 168 15.35 -6.19 -19.00
N THR A 169 15.31 -5.42 -17.91
CA THR A 169 16.55 -4.95 -17.30
C THR A 169 17.38 -6.12 -16.82
N LEU A 170 16.72 -7.13 -16.24
CA LEU A 170 17.40 -8.30 -15.74
C LEU A 170 17.55 -9.40 -16.79
N ASN A 171 17.16 -9.17 -18.03
CA ASN A 171 17.23 -10.18 -19.11
C ASN A 171 16.60 -11.51 -18.68
N ILE A 172 15.37 -11.41 -18.17
CA ILE A 172 14.63 -12.60 -17.74
C ILE A 172 14.22 -13.40 -18.96
N ALA A 173 14.38 -14.72 -18.90
CA ALA A 173 14.06 -15.57 -20.01
C ALA A 173 12.55 -15.57 -20.29
N PRO A 174 12.16 -15.70 -21.55
CA PRO A 174 10.72 -15.62 -21.90
C PRO A 174 9.83 -16.57 -21.10
N ILE A 175 10.28 -17.81 -20.90
CA ILE A 175 9.48 -18.78 -20.16
C ILE A 175 9.20 -18.29 -18.74
N ASP A 176 10.17 -17.63 -18.14
CA ASP A 176 10.00 -17.09 -16.79
C ASP A 176 9.10 -15.87 -16.79
N ALA A 177 9.30 -14.96 -17.74
CA ALA A 177 8.49 -13.75 -17.79
C ALA A 177 7.01 -14.12 -17.87
N LYS A 178 6.68 -14.98 -18.82
CA LYS A 178 5.29 -15.42 -18.99
C LYS A 178 4.71 -15.92 -17.68
N MET A 179 5.37 -16.91 -17.08
CA MET A 179 4.81 -17.55 -15.90
C MET A 179 4.63 -16.57 -14.76
N MET A 180 5.62 -15.69 -14.54
CA MET A 180 5.54 -14.75 -13.41
C MET A 180 4.50 -13.66 -13.63
N SER A 181 4.05 -13.43 -14.86
CA SER A 181 3.09 -12.38 -15.14
C SER A 181 1.68 -12.92 -15.37
N GLN A 182 1.50 -14.23 -15.27
CA GLN A 182 0.21 -14.86 -15.55
C GLN A 182 -0.83 -14.43 -14.52
N PRO A 183 -1.93 -13.81 -14.93
CA PRO A 183 -3.00 -13.53 -13.95
C PRO A 183 -3.42 -14.81 -13.24
N ALA A 184 -3.74 -14.68 -11.96
CA ALA A 184 -4.17 -15.83 -11.18
C ALA A 184 -5.45 -16.44 -11.78
N ASP A 185 -5.79 -17.65 -11.32
CA ASP A 185 -6.94 -18.39 -11.80
C ASP A 185 -8.23 -18.04 -11.09
N THR A 186 -8.15 -17.27 -10.00
CA THR A 186 -9.29 -16.87 -9.17
C THR A 186 -9.22 -15.37 -8.93
N GLU A 187 -10.38 -14.70 -8.99
CA GLU A 187 -10.43 -13.26 -8.76
C GLU A 187 -9.90 -12.89 -7.38
N GLU A 188 -10.14 -13.75 -6.39
CA GLU A 188 -9.54 -13.57 -5.07
C GLU A 188 -8.03 -13.44 -5.19
N GLY A 189 -7.41 -14.32 -5.98
CA GLY A 189 -5.97 -14.36 -6.15
C GLY A 189 -5.40 -13.39 -7.17
N ARG A 190 -6.24 -12.67 -7.93
CA ARG A 190 -5.73 -11.64 -8.83
C ARG A 190 -5.55 -10.32 -8.09
N ILE A 191 -6.56 -9.92 -7.32
CA ILE A 191 -6.43 -8.76 -6.44
C ILE A 191 -5.27 -8.97 -5.47
N GLU A 192 -5.13 -10.18 -4.93
CA GLU A 192 -4.04 -10.45 -4.01
C GLU A 192 -2.70 -10.33 -4.72
N GLN A 193 -2.66 -10.68 -6.01
CA GLN A 193 -1.40 -10.60 -6.75
C GLN A 193 -0.97 -9.16 -6.94
N TYR A 194 -1.91 -8.28 -7.28
CA TYR A 194 -1.65 -6.84 -7.29
C TYR A 194 -1.08 -6.36 -5.95
N LYS A 195 -1.79 -6.63 -4.84
CA LYS A 195 -1.30 -6.17 -3.54
C LYS A 195 0.08 -6.75 -3.25
N ARG A 196 0.31 -8.01 -3.61
CA ARG A 196 1.57 -8.64 -3.29
C ARG A 196 2.71 -8.06 -4.12
N THR A 197 2.44 -7.76 -5.38
CA THR A 197 3.47 -7.18 -6.23
C THR A 197 3.80 -5.77 -5.76
N MET A 198 2.78 -4.94 -5.48
CA MET A 198 3.03 -3.59 -4.97
C MET A 198 3.78 -3.64 -3.63
N PHE A 199 3.49 -4.63 -2.80
CA PHE A 199 4.20 -4.71 -1.52
C PHE A 199 5.66 -5.05 -1.76
N TRP A 200 5.92 -6.07 -2.58
CA TRP A 200 7.29 -6.40 -2.94
C TRP A 200 8.01 -5.20 -3.55
N LEU A 201 7.34 -4.45 -4.42
CA LEU A 201 7.97 -3.28 -5.03
C LEU A 201 8.38 -2.26 -3.98
N GLU A 202 7.50 -1.98 -3.03
CA GLU A 202 7.75 -0.88 -2.10
C GLU A 202 8.63 -1.33 -0.93
N PHE A 203 8.43 -2.54 -0.43
CA PHE A 203 9.02 -2.99 0.81
C PHE A 203 10.09 -4.06 0.68
N GLU A 204 10.35 -4.60 -0.53
CA GLU A 204 11.30 -5.70 -0.65
C GLU A 204 12.42 -5.50 -1.67
N ILE A 205 12.11 -5.17 -2.91
CA ILE A 205 13.11 -5.29 -3.97
C ILE A 205 14.35 -4.43 -3.66
N ARG A 206 14.16 -3.14 -3.38
CA ARG A 206 15.34 -2.29 -3.15
C ARG A 206 16.06 -2.70 -1.85
N GLN A 207 15.28 -2.89 -0.79
CA GLN A 207 15.83 -3.19 0.53
C GLN A 207 16.65 -4.48 0.50
N TYR A 208 16.16 -5.50 -0.21
CA TYR A 208 16.83 -6.81 -0.16
C TYR A 208 17.99 -6.87 -1.16
N THR A 209 17.79 -6.37 -2.38
CA THR A 209 18.84 -6.47 -3.39
C THR A 209 20.04 -5.58 -3.11
N HIS A 210 19.89 -4.54 -2.26
CA HIS A 210 21.03 -3.74 -1.84
C HIS A 210 21.29 -3.92 -0.34
N SER A 211 21.05 -5.11 0.18
CA SER A 211 21.23 -5.37 1.61
C SER A 211 22.69 -5.74 1.91
N ASN A 212 23.01 -5.86 3.21
CA ASN A 212 24.39 -5.87 3.66
C ASN A 212 24.94 -7.29 3.67
N ILE A 213 25.31 -7.78 2.48
CA ILE A 213 26.06 -9.02 2.30
C ILE A 213 27.34 -8.64 1.57
N THR A 214 28.47 -9.16 2.05
CA THR A 214 29.77 -8.95 1.44
C THR A 214 30.34 -10.28 1.00
N LEU A 215 31.35 -10.22 0.14
CA LEU A 215 31.97 -11.46 -0.32
C LEU A 215 32.54 -12.24 0.86
N ASP A 216 33.11 -11.54 1.83
CA ASP A 216 33.69 -12.22 2.98
C ASP A 216 32.63 -13.00 3.74
N ASP A 217 31.34 -12.63 3.63
CA ASP A 217 30.33 -13.43 4.32
C ASP A 217 30.24 -14.83 3.74
N PHE A 218 30.54 -14.99 2.45
CA PHE A 218 30.47 -16.29 1.81
C PHE A 218 31.70 -17.12 2.12
N THR A 219 32.86 -16.47 2.16
CA THR A 219 34.07 -17.25 2.30
C THR A 219 34.15 -17.88 3.68
N LYS A 220 33.57 -17.24 4.69
CA LYS A 220 33.66 -17.74 6.06
C LYS A 220 33.09 -19.15 6.19
N TYR A 221 32.02 -19.46 5.47
CA TYR A 221 31.37 -20.78 5.56
C TYR A 221 31.19 -21.34 4.17
N SER A 222 32.23 -21.17 3.35
CA SER A 222 32.10 -21.50 1.94
C SER A 222 31.77 -22.98 1.74
N ASP A 223 32.28 -23.86 2.62
N ASP A 223 32.30 -23.85 2.60
CA ASP A 223 32.04 -25.29 2.46
CA ASP A 223 32.03 -25.28 2.44
C ASP A 223 30.56 -25.63 2.56
C ASP A 223 30.54 -25.61 2.48
N LYS A 224 29.73 -24.73 3.07
CA LYS A 224 28.31 -25.02 3.22
C LYS A 224 27.49 -24.62 2.01
N ILE A 225 28.06 -23.86 1.08
CA ILE A 225 27.26 -23.15 0.09
C ILE A 225 27.30 -23.83 -1.26
N THR A 226 26.12 -23.93 -1.90
CA THR A 226 25.99 -24.26 -3.31
C THR A 226 25.30 -23.10 -4.02
N LEU A 227 25.84 -22.67 -5.15
CA LEU A 227 25.16 -21.68 -5.99
C LEU A 227 24.42 -22.42 -7.08
N LEU A 228 23.17 -22.03 -7.35
CA LEU A 228 22.35 -22.75 -8.32
C LEU A 228 21.96 -21.80 -9.45
N ASN A 229 22.23 -22.23 -10.68
CA ASN A 229 21.79 -21.53 -11.89
C ASN A 229 20.87 -22.45 -12.70
N GLY A 230 19.76 -21.90 -13.18
CA GLY A 230 18.87 -22.67 -14.04
C GLY A 230 19.49 -22.92 -15.41
N THR A 231 19.13 -24.06 -15.99
CA THR A 231 19.55 -24.36 -17.36
C THR A 231 18.78 -23.54 -18.40
N ASP A 232 17.60 -23.03 -18.07
CA ASP A 232 16.70 -22.38 -19.02
C ASP A 232 16.63 -20.87 -18.81
N SER A 233 17.44 -20.35 -17.90
CA SER A 233 17.48 -18.93 -17.56
C SER A 233 18.88 -18.36 -17.78
N ARG A 234 19.62 -18.92 -18.72
CA ARG A 234 20.96 -18.41 -19.00
C ARG A 234 20.90 -17.00 -19.58
N GLY A 235 21.91 -16.20 -19.25
CA GLY A 235 22.01 -14.81 -19.69
C GLY A 235 21.30 -13.83 -18.80
N SER A 236 20.65 -14.30 -17.76
CA SER A 236 19.88 -13.41 -16.91
C SER A 236 20.76 -12.90 -15.79
N PHE A 237 20.35 -11.75 -15.24
CA PHE A 237 21.18 -11.09 -14.24
C PHE A 237 21.46 -11.96 -13.02
N PRO A 238 20.51 -12.69 -12.47
CA PRO A 238 20.84 -13.48 -11.28
C PRO A 238 21.94 -14.49 -11.54
N GLN A 239 22.06 -15.01 -12.75
CA GLN A 239 23.17 -15.93 -13.01
C GLN A 239 24.50 -15.22 -12.99
N ASP A 240 24.52 -13.96 -13.44
CA ASP A 240 25.74 -13.16 -13.38
C ASP A 240 26.17 -12.92 -11.92
N VAL A 241 25.19 -12.80 -11.02
CA VAL A 241 25.54 -12.65 -9.61
C VAL A 241 26.24 -13.91 -9.12
N ASN A 242 25.68 -15.08 -9.44
CA ASN A 242 26.35 -16.33 -9.08
C ASN A 242 27.73 -16.45 -9.74
N PHE A 243 27.86 -16.07 -11.02
CA PHE A 243 29.18 -16.13 -11.62
C PHE A 243 30.18 -15.27 -10.87
N TYR A 244 29.75 -14.09 -10.43
CA TYR A 244 30.68 -13.24 -9.71
C TYR A 244 31.05 -13.84 -8.36
N ILE A 245 30.08 -14.38 -7.62
CA ILE A 245 30.40 -15.03 -6.36
C ILE A 245 31.40 -16.14 -6.59
N ASN A 246 31.15 -16.98 -7.61
CA ASN A 246 32.06 -18.08 -7.91
C ASN A 246 33.45 -17.56 -8.28
N LYS A 247 33.51 -16.51 -9.09
CA LYS A 247 34.81 -15.97 -9.51
C LYS A 247 35.63 -15.53 -8.32
N GLU A 248 34.97 -14.93 -7.32
CA GLU A 248 35.70 -14.34 -6.20
C GLU A 248 35.96 -15.31 -5.06
N THR A 249 35.16 -16.37 -4.92
CA THR A 249 35.20 -17.24 -3.76
C THR A 249 35.56 -18.68 -4.07
N GLY A 250 35.43 -19.12 -5.33
CA GLY A 250 35.60 -20.51 -5.68
C GLY A 250 34.44 -21.40 -5.30
N ILE A 251 33.37 -20.83 -4.75
CA ILE A 251 32.19 -21.62 -4.37
C ILE A 251 31.56 -22.19 -5.65
N PRO A 252 31.37 -23.50 -5.76
CA PRO A 252 30.91 -24.07 -7.04
C PRO A 252 29.51 -23.63 -7.42
N ILE A 253 29.28 -23.53 -8.73
CA ILE A 253 27.95 -23.38 -9.31
C ILE A 253 27.47 -24.76 -9.78
N VAL A 254 26.27 -25.13 -9.37
CA VAL A 254 25.61 -26.33 -9.87
C VAL A 254 24.44 -25.89 -10.76
N ASP A 255 24.34 -26.46 -11.93
CA ASP A 255 23.25 -26.19 -12.87
C ASP A 255 22.08 -27.11 -12.59
N ILE A 256 20.88 -26.55 -12.69
CA ILE A 256 19.68 -27.28 -12.27
C ILE A 256 18.57 -26.97 -13.26
N PRO A 257 17.67 -27.95 -13.54
CA PRO A 257 16.70 -27.74 -14.62
C PRO A 257 15.74 -26.59 -14.38
N GLY A 258 15.15 -26.13 -15.48
CA GLY A 258 14.22 -25.02 -15.43
C GLY A 258 14.91 -23.67 -15.47
N GLY A 259 14.08 -22.63 -15.39
CA GLY A 259 14.56 -21.27 -15.35
C GLY A 259 14.54 -20.70 -13.95
N HIS A 260 14.24 -19.40 -13.86
CA HIS A 260 14.15 -18.76 -12.54
C HIS A 260 13.15 -19.47 -11.65
N LEU A 261 12.10 -20.03 -12.22
CA LEU A 261 11.06 -20.75 -11.48
C LEU A 261 11.20 -22.24 -11.68
N GLY A 262 12.44 -22.71 -11.81
CA GLY A 262 12.65 -24.08 -12.25
C GLY A 262 12.09 -25.12 -11.30
N TYR A 263 11.99 -24.77 -10.01
CA TYR A 263 11.47 -25.70 -9.00
C TYR A 263 10.00 -26.03 -9.20
N ILE A 264 9.22 -25.18 -9.87
CA ILE A 264 7.86 -25.55 -10.23
C ILE A 264 7.73 -25.84 -11.71
N GLN A 265 8.64 -25.34 -12.56
CA GLN A 265 8.59 -25.70 -13.99
C GLN A 265 9.07 -27.13 -14.23
N LYS A 266 10.12 -27.57 -13.53
CA LYS A 266 10.65 -28.92 -13.70
C LYS A 266 10.93 -29.55 -12.33
N PRO A 267 9.87 -29.85 -11.56
N PRO A 267 9.88 -29.84 -11.55
CA PRO A 267 10.10 -30.31 -10.18
CA PRO A 267 10.11 -30.31 -10.18
C PRO A 267 10.88 -31.61 -10.11
C PRO A 267 10.88 -31.61 -10.11
N GLU A 268 10.64 -32.54 -11.04
CA GLU A 268 11.32 -33.83 -11.01
C GLU A 268 12.81 -33.64 -11.24
N GLY A 269 13.16 -32.89 -12.29
CA GLY A 269 14.58 -32.66 -12.57
C GLY A 269 15.27 -31.79 -11.54
N PHE A 270 14.55 -30.80 -11.02
CA PHE A 270 15.07 -29.98 -9.93
C PHE A 270 15.39 -30.85 -8.73
N ALA A 271 14.44 -31.71 -8.34
CA ALA A 271 14.63 -32.58 -7.19
C ALA A 271 15.82 -33.50 -7.42
N ASP A 272 15.99 -33.99 -8.63
CA ASP A 272 17.04 -34.98 -8.87
C ASP A 272 18.40 -34.38 -8.57
N VAL A 273 18.56 -33.09 -8.90
CA VAL A 273 19.82 -32.39 -8.59
C VAL A 273 19.96 -32.15 -7.09
N LEU A 274 18.90 -31.71 -6.41
CA LEU A 274 18.99 -31.55 -4.97
C LEU A 274 19.35 -32.85 -4.28
N LEU A 275 18.81 -33.98 -4.76
CA LEU A 275 19.13 -35.25 -4.13
C LEU A 275 20.59 -35.59 -4.37
N ASN A 276 21.09 -35.34 -5.58
CA ASN A 276 22.53 -35.54 -5.82
C ASN A 276 23.37 -34.69 -4.88
N MET A 277 22.88 -33.51 -4.55
CA MET A 277 23.66 -32.58 -3.73
C MET A 277 23.65 -33.01 -2.27
N TRP A 278 22.46 -33.32 -1.75
CA TRP A 278 22.22 -33.39 -0.33
C TRP A 278 21.59 -34.68 0.14
N GLY A 279 21.15 -35.54 -0.77
CA GLY A 279 20.47 -36.74 -0.34
C GLY A 279 21.39 -37.94 -0.26
N GLY B 3 -3.95 -27.78 4.96
CA GLY B 3 -3.70 -27.08 6.24
C GLY B 3 -2.22 -26.81 6.43
N MET B 4 -1.90 -25.62 6.91
CA MET B 4 -0.51 -25.23 7.17
C MET B 4 -0.23 -25.15 8.67
N GLU B 5 1.04 -25.35 8.99
CA GLU B 5 1.59 -25.28 10.33
C GLU B 5 1.87 -23.84 10.71
N THR B 6 1.87 -23.58 12.01
CA THR B 6 2.12 -22.25 12.57
C THR B 6 3.27 -22.27 13.56
N LEU B 7 4.14 -21.26 13.46
CA LEU B 7 5.12 -20.94 14.49
C LEU B 7 4.92 -19.48 14.88
N GLU B 8 4.57 -19.24 16.14
CA GLU B 8 4.31 -17.88 16.61
C GLU B 8 5.63 -17.25 17.03
N LEU B 9 5.97 -16.12 16.41
CA LEU B 9 7.24 -15.43 16.65
C LEU B 9 6.96 -13.98 17.03
N GLN B 10 8.01 -13.23 17.32
CA GLN B 10 7.83 -11.82 17.67
C GLN B 10 7.26 -11.08 16.46
N GLY B 11 6.05 -10.56 16.61
CA GLY B 11 5.45 -9.75 15.57
C GLY B 11 4.73 -10.49 14.45
N ALA B 12 4.72 -11.81 14.45
CA ALA B 12 4.03 -12.50 13.37
C ALA B 12 3.71 -13.93 13.74
N LYS B 13 2.63 -14.45 13.15
CA LYS B 13 2.37 -15.89 13.08
C LYS B 13 2.91 -16.36 11.73
N LEU B 14 3.94 -17.20 11.78
CA LEU B 14 4.59 -17.71 10.59
C LEU B 14 3.95 -19.02 10.17
N ARG B 15 3.40 -19.06 8.97
CA ARG B 15 2.74 -20.27 8.47
C ARG B 15 3.63 -20.96 7.44
N TYR B 16 3.63 -22.29 7.45
CA TYR B 16 4.46 -23.05 6.53
C TYR B 16 3.78 -24.37 6.21
N HIS B 17 4.11 -24.92 5.04
CA HIS B 17 3.78 -26.29 4.67
C HIS B 17 4.85 -27.21 5.20
N GLN B 18 4.45 -28.39 5.66
CA GLN B 18 5.41 -29.39 6.09
C GLN B 18 4.99 -30.72 5.49
N VAL B 19 5.85 -31.31 4.67
N VAL B 19 5.83 -31.29 4.64
CA VAL B 19 5.56 -32.54 3.94
CA VAL B 19 5.54 -32.57 4.03
C VAL B 19 6.79 -33.44 3.95
C VAL B 19 6.79 -33.42 4.08
N GLY B 20 6.61 -34.70 4.36
CA GLY B 20 7.68 -35.66 4.26
C GLY B 20 8.32 -36.03 5.58
N GLN B 21 9.43 -36.75 5.44
CA GLN B 21 10.16 -37.37 6.53
C GLN B 21 11.63 -37.34 6.14
N GLY B 22 12.48 -37.16 7.15
CA GLY B 22 13.90 -37.05 6.91
C GLY B 22 14.44 -35.78 7.51
N PRO B 23 15.70 -35.47 7.20
CA PRO B 23 16.26 -34.19 7.66
C PRO B 23 15.44 -33.02 7.17
N VAL B 24 15.43 -31.94 7.96
CA VAL B 24 14.64 -30.78 7.59
C VAL B 24 15.30 -30.05 6.43
N LEU B 25 14.48 -29.68 5.42
CA LEU B 25 14.89 -28.86 4.28
C LEU B 25 13.91 -27.71 4.17
N ILE B 26 14.38 -26.49 4.41
CA ILE B 26 13.53 -25.31 4.39
C ILE B 26 13.69 -24.61 3.06
N PHE B 27 12.57 -24.39 2.36
CA PHE B 27 12.51 -23.61 1.13
C PHE B 27 12.00 -22.20 1.43
N ILE B 28 12.74 -21.20 0.96
CA ILE B 28 12.42 -19.80 1.18
C ILE B 28 12.02 -19.20 -0.15
N PRO B 29 10.78 -18.77 -0.34
CA PRO B 29 10.34 -18.21 -1.62
C PRO B 29 10.84 -16.80 -1.86
N GLY B 30 10.89 -16.47 -3.14
CA GLY B 30 11.11 -15.12 -3.60
C GLY B 30 9.87 -14.25 -3.67
N ALA B 31 9.73 -13.51 -4.76
CA ALA B 31 8.79 -12.39 -4.80
C ALA B 31 7.34 -12.81 -4.62
N ASN B 32 6.99 -14.04 -4.99
CA ASN B 32 5.64 -14.51 -4.69
C ASN B 32 5.40 -14.67 -3.18
N GLY B 33 6.45 -14.82 -2.38
CA GLY B 33 6.36 -14.81 -0.94
C GLY B 33 5.76 -16.03 -0.27
N THR B 34 5.22 -16.99 -1.02
CA THR B 34 4.48 -18.10 -0.43
C THR B 34 5.11 -19.44 -0.77
N GLY B 35 5.04 -20.37 0.18
CA GLY B 35 5.67 -21.65 0.03
C GLY B 35 4.95 -22.61 -0.89
N ASP B 36 3.70 -22.30 -1.29
CA ASP B 36 2.97 -23.26 -2.12
C ASP B 36 3.63 -23.46 -3.47
N ILE B 37 4.47 -22.51 -3.92
CA ILE B 37 5.18 -22.67 -5.17
C ILE B 37 6.18 -23.83 -5.10
N PHE B 38 6.54 -24.30 -3.91
CA PHE B 38 7.45 -25.43 -3.74
C PHE B 38 6.76 -26.77 -3.55
N LEU B 39 5.43 -26.84 -3.61
CA LEU B 39 4.73 -28.07 -3.22
C LEU B 39 4.94 -29.17 -4.26
N PRO B 40 4.92 -28.87 -5.56
CA PRO B 40 5.28 -29.94 -6.52
C PRO B 40 6.67 -30.50 -6.30
N LEU B 41 7.63 -29.61 -5.98
CA LEU B 41 8.97 -30.07 -5.64
C LEU B 41 8.95 -30.89 -4.35
N ALA B 42 8.21 -30.44 -3.35
CA ALA B 42 8.17 -31.19 -2.09
C ALA B 42 7.69 -32.62 -2.32
N GLU B 43 6.73 -32.80 -3.23
CA GLU B 43 6.23 -34.14 -3.51
C GLU B 43 7.35 -35.05 -3.99
N GLN B 44 8.30 -34.50 -4.75
CA GLN B 44 9.44 -35.24 -5.28
C GLN B 44 10.45 -35.58 -4.20
N LEU B 45 10.48 -34.79 -3.12
CA LEU B 45 11.52 -34.90 -2.11
C LEU B 45 11.06 -35.54 -0.82
N LYS B 46 9.75 -35.83 -0.67
CA LYS B 46 9.19 -36.13 0.64
C LYS B 46 9.59 -37.48 1.20
N ASP B 47 10.15 -38.38 0.42
CA ASP B 47 10.67 -39.59 1.04
C ASP B 47 12.13 -39.44 1.48
N HIS B 48 12.75 -38.28 1.25
CA HIS B 48 14.14 -38.00 1.63
C HIS B 48 14.29 -36.89 2.65
N PHE B 49 13.38 -35.93 2.69
CA PHE B 49 13.48 -34.79 3.58
C PHE B 49 12.13 -34.48 4.21
N THR B 50 12.17 -33.93 5.41
CA THR B 50 11.03 -33.17 5.93
C THR B 50 11.06 -31.80 5.24
N VAL B 51 10.19 -31.62 4.26
CA VAL B 51 10.23 -30.42 3.42
C VAL B 51 9.37 -29.37 4.11
N VAL B 52 9.94 -28.19 4.32
CA VAL B 52 9.28 -27.09 5.01
C VAL B 52 9.26 -25.91 4.06
N ALA B 53 8.07 -25.49 3.62
CA ALA B 53 7.92 -24.47 2.58
C ALA B 53 7.21 -23.29 3.20
N VAL B 54 7.92 -22.18 3.37
CA VAL B 54 7.50 -21.06 4.22
C VAL B 54 6.72 -20.02 3.45
N ASP B 55 5.62 -19.52 4.06
CA ASP B 55 5.04 -18.23 3.69
C ASP B 55 5.80 -17.19 4.52
N ARG B 56 6.64 -16.38 3.89
CA ARG B 56 7.35 -15.39 4.67
C ARG B 56 6.31 -14.45 5.32
N ARG B 57 6.71 -13.78 6.39
CA ARG B 57 5.72 -13.31 7.37
C ARG B 57 4.79 -12.23 6.81
N ASP B 58 5.18 -11.55 5.75
CA ASP B 58 4.35 -10.53 5.15
C ASP B 58 3.44 -11.08 4.05
N TYR B 59 3.40 -12.38 3.85
CA TYR B 59 2.72 -12.95 2.70
C TYR B 59 1.83 -14.14 3.05
N GLY B 60 0.91 -14.44 2.16
CA GLY B 60 0.15 -15.68 2.22
C GLY B 60 -0.65 -15.79 3.49
N GLU B 61 -0.53 -16.96 4.12
CA GLU B 61 -1.30 -17.27 5.32
C GLU B 61 -0.56 -16.86 6.59
N SER B 62 0.69 -16.42 6.47
CA SER B 62 1.32 -15.78 7.61
C SER B 62 0.61 -14.47 7.92
N GLU B 63 0.81 -13.96 9.15
CA GLU B 63 0.06 -12.80 9.60
C GLU B 63 0.91 -12.00 10.58
N LEU B 64 1.09 -10.70 10.32
CA LEU B 64 1.72 -9.82 11.28
C LEU B 64 0.83 -9.63 12.49
N THR B 65 1.43 -9.60 13.68
CA THR B 65 0.68 -9.29 14.90
C THR B 65 0.97 -7.88 15.41
N GLU B 66 1.86 -7.15 14.74
CA GLU B 66 2.26 -5.81 15.08
C GLU B 66 2.58 -5.15 13.74
N PRO B 67 2.29 -3.85 13.58
CA PRO B 67 2.53 -3.21 12.29
C PRO B 67 4.01 -3.18 11.96
N LEU B 68 4.32 -3.16 10.66
CA LEU B 68 5.70 -2.89 10.26
C LEU B 68 6.14 -1.56 10.85
N PRO B 69 7.42 -1.40 11.15
CA PRO B 69 7.96 -0.07 11.46
C PRO B 69 7.64 0.92 10.37
N ASP B 70 7.36 2.18 10.76
CA ASP B 70 7.17 3.24 9.78
C ASP B 70 8.33 3.30 8.78
N SER B 71 9.54 3.06 9.25
CA SER B 71 10.72 3.15 8.40
C SER B 71 10.83 2.03 7.40
N ALA B 72 9.96 1.03 7.40
CA ALA B 72 10.16 -0.06 6.46
C ALA B 72 10.01 0.37 5.01
N SER B 73 9.28 1.44 4.75
CA SER B 73 9.17 1.93 3.38
C SER B 73 10.45 2.61 2.92
N ASN B 74 11.38 2.89 3.81
CA ASN B 74 12.61 3.54 3.38
C ASN B 74 13.40 2.53 2.55
N PRO B 75 13.96 2.95 1.41
CA PRO B 75 14.62 1.98 0.52
C PRO B 75 15.87 1.36 1.11
N ASP B 76 16.50 1.98 2.12
CA ASP B 76 17.66 1.38 2.76
C ASP B 76 17.33 0.73 4.10
N SER B 77 16.06 0.51 4.42
CA SER B 77 15.73 -0.26 5.60
C SER B 77 16.30 -1.68 5.48
N ASP B 78 16.81 -2.21 6.59
CA ASP B 78 17.14 -3.64 6.64
C ASP B 78 16.27 -4.41 7.60
N TYR B 79 15.21 -3.79 8.14
CA TYR B 79 14.37 -4.48 9.12
C TYR B 79 13.81 -5.79 8.56
N ARG B 80 13.20 -5.74 7.38
CA ARG B 80 12.46 -6.89 6.91
C ARG B 80 13.37 -8.06 6.55
N VAL B 81 14.48 -7.81 5.86
CA VAL B 81 15.32 -8.94 5.47
C VAL B 81 15.94 -9.61 6.69
N LYS B 82 16.31 -8.81 7.70
CA LYS B 82 16.84 -9.38 8.94
C LYS B 82 15.77 -10.17 9.68
N ARG B 83 14.56 -9.64 9.73
CA ARG B 83 13.47 -10.33 10.40
C ARG B 83 13.09 -11.63 9.68
N ASP B 84 13.13 -11.63 8.35
CA ASP B 84 12.88 -12.87 7.60
C ASP B 84 13.94 -13.92 7.91
N ALA B 85 15.19 -13.49 8.01
CA ALA B 85 16.28 -14.42 8.32
C ALA B 85 16.12 -14.98 9.73
N GLN B 86 15.74 -14.14 10.68
CA GLN B 86 15.53 -14.63 12.03
C GLN B 86 14.36 -15.60 12.08
N ASP B 87 13.34 -15.35 11.26
CA ASP B 87 12.21 -16.30 11.18
C ASP B 87 12.70 -17.68 10.76
N ILE B 88 13.57 -17.74 9.74
CA ILE B 88 14.04 -19.04 9.26
C ILE B 88 14.86 -19.72 10.34
N ALA B 89 15.69 -18.95 11.05
CA ALA B 89 16.51 -19.54 12.10
C ALA B 89 15.65 -20.09 13.24
N GLU B 90 14.63 -19.34 13.64
N GLU B 90 14.60 -19.35 13.63
CA GLU B 90 13.75 -19.83 14.69
CA GLU B 90 13.76 -19.83 14.71
C GLU B 90 12.95 -21.04 14.22
C GLU B 90 12.86 -20.98 14.26
N LEU B 91 12.50 -21.02 12.97
CA LEU B 91 11.80 -22.18 12.43
C LEU B 91 12.70 -23.41 12.45
N ALA B 92 13.93 -23.27 11.96
CA ALA B 92 14.89 -24.37 12.01
C ALA B 92 15.04 -24.89 13.42
N LYS B 93 15.21 -24.00 14.40
CA LYS B 93 15.41 -24.44 15.78
C LYS B 93 14.17 -25.15 16.32
N SER B 94 12.98 -24.68 15.92
CA SER B 94 11.73 -25.29 16.37
C SER B 94 11.51 -26.70 15.81
N LEU B 95 12.12 -27.01 14.66
CA LEU B 95 11.86 -28.28 13.99
C LEU B 95 13.00 -29.26 14.11
N SER B 96 14.18 -28.83 14.51
CA SER B 96 15.33 -29.73 14.48
C SER B 96 16.34 -29.32 15.54
N ASP B 97 16.96 -30.32 16.19
CA ASP B 97 18.07 -30.06 17.09
C ASP B 97 19.42 -30.05 16.37
N GLU B 98 19.44 -30.39 15.09
CA GLU B 98 20.63 -30.38 14.25
C GLU B 98 20.52 -29.26 13.23
N PRO B 99 21.64 -28.76 12.72
CA PRO B 99 21.57 -27.80 11.62
C PRO B 99 20.81 -28.43 10.45
N VAL B 100 20.13 -27.57 9.67
CA VAL B 100 19.22 -28.03 8.63
C VAL B 100 19.70 -27.60 7.24
N TYR B 101 19.02 -28.14 6.24
CA TYR B 101 19.26 -27.77 4.86
C TYR B 101 18.34 -26.61 4.51
N ILE B 102 18.86 -25.65 3.75
CA ILE B 102 18.09 -24.47 3.37
C ILE B 102 18.33 -24.14 1.92
N LEU B 103 17.26 -23.83 1.19
CA LEU B 103 17.38 -23.33 -0.17
C LEU B 103 16.47 -22.12 -0.32
N GLY B 104 17.01 -21.02 -0.82
CA GLY B 104 16.20 -19.87 -1.20
C GLY B 104 16.37 -19.55 -2.66
N SER B 105 15.34 -18.98 -3.26
CA SER B 105 15.43 -18.52 -4.65
C SER B 105 15.06 -17.05 -4.73
N SER B 106 15.71 -16.32 -5.63
CA SER B 106 15.36 -14.89 -5.88
C SER B 106 15.56 -14.14 -4.56
N SER B 107 14.61 -13.26 -4.16
CA SER B 107 14.87 -12.58 -2.89
C SER B 107 14.87 -13.56 -1.73
N GLY B 108 14.28 -14.75 -1.89
CA GLY B 108 14.40 -15.80 -0.88
C GLY B 108 15.83 -16.28 -0.68
N SER B 109 16.66 -16.24 -1.74
N SER B 109 16.65 -16.23 -1.74
CA SER B 109 18.08 -16.56 -1.59
CA SER B 109 18.06 -16.56 -1.59
C SER B 109 18.83 -15.46 -0.87
C SER B 109 18.79 -15.46 -0.84
N ILE B 110 18.32 -14.21 -0.93
CA ILE B 110 18.93 -13.13 -0.16
C ILE B 110 18.62 -13.33 1.33
N VAL B 111 17.37 -13.70 1.65
CA VAL B 111 17.06 -14.10 3.03
C VAL B 111 18.02 -15.21 3.47
N ALA B 112 18.23 -16.21 2.60
CA ALA B 112 19.14 -17.32 2.95
C ALA B 112 20.54 -16.82 3.27
N MET B 113 21.04 -15.84 2.50
CA MET B 113 22.36 -15.29 2.79
C MET B 113 22.41 -14.68 4.17
N HIS B 114 21.35 -13.97 4.57
CA HIS B 114 21.34 -13.37 5.89
C HIS B 114 21.19 -14.41 6.98
N VAL B 115 20.53 -15.53 6.70
CA VAL B 115 20.49 -16.63 7.67
C VAL B 115 21.91 -17.14 7.94
N LEU B 116 22.67 -17.39 6.87
CA LEU B 116 24.03 -17.85 7.04
C LEU B 116 24.88 -16.83 7.77
N LYS B 117 24.67 -15.54 7.46
CA LYS B 117 25.47 -14.48 8.05
C LYS B 117 25.20 -14.33 9.54
N ASP B 118 23.93 -14.34 9.94
CA ASP B 118 23.52 -14.02 11.30
C ASP B 118 23.25 -15.25 12.18
N TYR B 119 22.96 -16.40 11.57
CA TYR B 119 22.62 -17.61 12.31
C TYR B 119 23.29 -18.82 11.68
N PRO B 120 24.61 -18.77 11.48
CA PRO B 120 25.30 -19.91 10.85
C PRO B 120 25.09 -21.21 11.60
N GLU B 121 24.77 -21.15 12.89
CA GLU B 121 24.61 -22.36 13.68
C GLU B 121 23.44 -23.22 13.24
N VAL B 122 22.45 -22.66 12.53
CA VAL B 122 21.32 -23.48 12.10
C VAL B 122 21.52 -24.07 10.71
N VAL B 123 22.62 -23.76 10.03
CA VAL B 123 22.80 -24.16 8.63
C VAL B 123 23.70 -25.37 8.54
N LYS B 124 23.19 -26.49 8.00
CA LYS B 124 24.04 -27.62 7.64
C LYS B 124 24.60 -27.41 6.24
N LYS B 125 23.72 -27.16 5.29
CA LYS B 125 24.07 -26.81 3.93
C LYS B 125 23.04 -25.81 3.42
N ILE B 126 23.46 -24.95 2.50
CA ILE B 126 22.56 -23.91 2.01
C ILE B 126 22.82 -23.70 0.52
N ALA B 127 21.74 -23.42 -0.21
CA ALA B 127 21.79 -23.20 -1.65
C ALA B 127 21.17 -21.85 -1.97
N PHE B 128 21.87 -21.07 -2.78
CA PHE B 128 21.38 -19.79 -3.31
C PHE B 128 21.01 -19.97 -4.76
N HIS B 129 19.73 -20.08 -5.05
CA HIS B 129 19.23 -20.23 -6.41
C HIS B 129 18.93 -18.85 -6.97
N GLU B 130 19.69 -18.47 -7.99
CA GLU B 130 19.51 -17.22 -8.76
C GLU B 130 19.23 -16.01 -7.89
N PRO B 131 20.22 -15.59 -7.11
CA PRO B 131 20.09 -14.40 -6.27
C PRO B 131 20.20 -13.13 -7.07
N PRO B 132 19.36 -12.13 -6.79
CA PRO B 132 19.46 -10.86 -7.51
C PRO B 132 20.09 -9.74 -6.69
N ILE B 133 20.86 -10.10 -5.66
CA ILE B 133 21.53 -9.09 -4.84
C ILE B 133 22.66 -8.44 -5.63
N ASN B 134 22.82 -7.13 -5.51
CA ASN B 134 23.86 -6.42 -6.26
C ASN B 134 24.93 -5.78 -5.38
N THR B 135 24.80 -5.83 -4.05
CA THR B 135 25.53 -4.87 -3.22
C THR B 135 27.02 -5.02 -3.36
N PHE B 136 27.50 -6.24 -3.53
CA PHE B 136 28.92 -6.55 -3.57
C PHE B 136 29.46 -6.67 -4.99
N LEU B 137 28.63 -6.38 -5.99
CA LEU B 137 29.09 -6.43 -7.37
C LEU B 137 30.01 -5.26 -7.66
N PRO B 138 30.95 -5.43 -8.60
CA PRO B 138 31.78 -4.30 -9.00
C PRO B 138 31.01 -3.18 -9.70
N ASP B 139 29.83 -3.46 -10.25
CA ASP B 139 28.95 -2.49 -10.89
C ASP B 139 27.64 -2.37 -10.13
N SER B 140 27.75 -2.43 -8.81
CA SER B 140 26.55 -2.34 -7.98
C SER B 140 25.74 -1.10 -8.29
N THR B 141 26.40 0.07 -8.45
CA THR B 141 25.68 1.32 -8.69
C THR B 141 24.75 1.19 -9.86
N TYR B 142 25.25 0.60 -10.94
CA TYR B 142 24.46 0.45 -12.16
C TYR B 142 23.15 -0.28 -11.85
N TRP B 143 23.23 -1.40 -11.16
CA TRP B 143 22.03 -2.21 -10.92
C TRP B 143 21.14 -1.61 -9.84
N LYS B 144 21.75 -1.07 -8.78
CA LYS B 144 20.95 -0.44 -7.73
C LYS B 144 20.10 0.69 -8.30
N ASP B 145 20.74 1.55 -9.08
CA ASP B 145 20.03 2.71 -9.60
C ASP B 145 18.89 2.29 -10.53
N LYS B 146 19.08 1.20 -11.27
CA LYS B 146 17.99 0.70 -12.12
C LYS B 146 16.81 0.23 -11.27
N ASN B 147 17.08 -0.49 -10.17
CA ASN B 147 15.99 -0.88 -9.29
C ASN B 147 15.29 0.34 -8.70
N ASP B 148 16.07 1.28 -8.20
CA ASP B 148 15.48 2.49 -7.62
C ASP B 148 14.60 3.20 -8.64
N ASP B 149 15.08 3.32 -9.86
CA ASP B 149 14.35 4.12 -10.83
C ASP B 149 13.05 3.44 -11.24
N ILE B 150 13.05 2.12 -11.39
CA ILE B 150 11.80 1.47 -11.83
C ILE B 150 10.77 1.49 -10.70
N VAL B 151 11.20 1.33 -9.45
CA VAL B 151 10.26 1.52 -8.34
C VAL B 151 9.72 2.95 -8.34
N HIS B 152 10.60 3.93 -8.54
CA HIS B 152 10.16 5.33 -8.48
C HIS B 152 9.15 5.62 -9.59
N GLN B 153 9.35 5.00 -10.74
CA GLN B 153 8.45 5.17 -11.87
C GLN B 153 7.05 4.66 -11.54
N ILE B 154 6.96 3.46 -10.96
CA ILE B 154 5.65 2.86 -10.67
C ILE B 154 4.99 3.56 -9.48
N LEU B 155 5.76 3.78 -8.41
CA LEU B 155 5.17 4.28 -7.18
C LEU B 155 4.95 5.77 -7.13
N THR B 156 5.72 6.56 -7.93
CA THR B 156 5.53 8.01 -7.86
C THR B 156 5.30 8.69 -9.21
N GLU B 157 6.00 8.26 -10.27
CA GLU B 157 5.92 9.03 -11.50
C GLU B 157 4.61 8.81 -12.25
N GLY B 158 4.07 7.58 -12.22
CA GLY B 158 2.79 7.36 -12.89
C GLY B 158 1.69 8.20 -12.29
N LEU B 159 1.68 8.28 -10.96
CA LEU B 159 0.73 9.14 -10.28
C LEU B 159 0.92 10.60 -10.68
N GLU B 160 2.16 11.05 -10.75
CA GLU B 160 2.41 12.46 -11.05
C GLU B 160 1.85 12.82 -12.42
N LYS B 161 2.11 11.98 -13.41
CA LYS B 161 1.62 12.25 -14.75
C LYS B 161 0.11 12.12 -14.84
N GLY B 162 -0.48 11.13 -14.17
CA GLY B 162 -1.91 10.97 -14.20
C GLY B 162 -2.61 12.11 -13.49
N MET B 163 -2.05 12.57 -12.38
CA MET B 163 -2.71 13.62 -11.63
C MET B 163 -2.69 14.92 -12.39
N LYS B 164 -1.66 15.15 -13.20
CA LYS B 164 -1.66 16.38 -13.98
C LYS B 164 -2.79 16.35 -14.99
N THR B 165 -2.97 15.21 -15.64
CA THR B 165 -4.07 15.06 -16.58
C THR B 165 -5.40 15.20 -15.86
N PHE B 166 -5.51 14.59 -14.69
N PHE B 166 -5.51 14.61 -14.66
CA PHE B 166 -6.74 14.64 -13.94
CA PHE B 166 -6.75 14.63 -13.90
C PHE B 166 -7.10 16.08 -13.57
C PHE B 166 -7.12 16.06 -13.49
N GLY B 167 -6.12 16.85 -13.13
CA GLY B 167 -6.37 18.26 -12.87
C GLY B 167 -6.93 18.97 -14.07
N GLU B 168 -6.45 18.62 -15.28
CA GLU B 168 -6.97 19.24 -16.51
C GLU B 168 -8.41 18.80 -16.78
N THR B 169 -8.68 17.51 -16.62
CA THR B 169 -10.06 17.02 -16.74
C THR B 169 -11.01 17.80 -15.85
N LEU B 170 -10.60 18.07 -14.61
CA LEU B 170 -11.47 18.74 -13.66
C LEU B 170 -11.29 20.25 -13.66
N ASN B 171 -10.42 20.79 -14.50
N ASN B 171 -10.44 20.78 -14.52
CA ASN B 171 -10.15 22.23 -14.57
CA ASN B 171 -10.09 22.21 -14.58
C ASN B 171 -9.81 22.80 -13.19
C ASN B 171 -9.81 22.79 -13.20
N ILE B 172 -8.94 22.09 -12.47
CA ILE B 172 -8.47 22.54 -11.17
C ILE B 172 -7.63 23.80 -11.33
N ALA B 173 -7.86 24.79 -10.45
CA ALA B 173 -7.10 26.03 -10.54
C ALA B 173 -5.62 25.77 -10.32
N PRO B 174 -4.75 26.49 -11.02
CA PRO B 174 -3.30 26.29 -10.84
C PRO B 174 -2.82 26.43 -9.40
N ILE B 175 -3.38 27.36 -8.63
CA ILE B 175 -2.89 27.54 -7.27
C ILE B 175 -3.19 26.30 -6.43
N ASP B 176 -4.34 25.68 -6.66
CA ASP B 176 -4.68 24.46 -5.95
C ASP B 176 -3.80 23.32 -6.41
N ALA B 177 -3.63 23.15 -7.71
CA ALA B 177 -2.78 22.07 -8.20
C ALA B 177 -1.37 22.21 -7.62
N LYS B 178 -0.83 23.44 -7.58
CA LYS B 178 0.51 23.60 -7.04
C LYS B 178 0.56 23.23 -5.55
N MET B 179 -0.46 23.64 -4.80
CA MET B 179 -0.42 23.35 -3.37
C MET B 179 -0.65 21.88 -3.11
N MET B 180 -1.55 21.26 -3.87
CA MET B 180 -1.84 19.85 -3.65
C MET B 180 -0.65 18.96 -4.00
N SER B 181 0.21 19.42 -4.91
CA SER B 181 1.36 18.62 -5.37
C SER B 181 2.69 19.16 -4.86
N GLN B 182 2.67 20.10 -3.93
CA GLN B 182 3.92 20.69 -3.49
C GLN B 182 4.73 19.62 -2.76
N PRO B 183 5.98 19.37 -3.16
CA PRO B 183 6.74 18.31 -2.49
C PRO B 183 7.03 18.66 -1.04
N ALA B 184 6.92 17.65 -0.16
CA ALA B 184 7.38 17.83 1.21
C ALA B 184 8.88 18.08 1.23
N ASP B 185 9.36 18.65 2.34
CA ASP B 185 10.76 19.08 2.36
C ASP B 185 11.72 18.01 2.87
N THR B 186 11.23 16.81 3.23
CA THR B 186 12.07 15.68 3.58
C THR B 186 11.73 14.49 2.69
N GLU B 187 12.74 13.65 2.44
CA GLU B 187 12.50 12.44 1.66
C GLU B 187 11.43 11.56 2.29
N GLU B 188 11.43 11.45 3.62
CA GLU B 188 10.41 10.64 4.28
C GLU B 188 9.04 11.26 4.11
N GLY B 189 8.95 12.59 4.21
CA GLY B 189 7.69 13.25 3.98
C GLY B 189 7.17 13.03 2.58
N ARG B 190 8.08 13.01 1.60
CA ARG B 190 7.66 12.76 0.22
C ARG B 190 7.23 11.31 0.01
N ILE B 191 7.95 10.35 0.59
CA ILE B 191 7.48 8.97 0.54
C ILE B 191 6.05 8.90 1.02
N GLU B 192 5.76 9.56 2.15
CA GLU B 192 4.42 9.49 2.74
C GLU B 192 3.37 10.15 1.86
N GLN B 193 3.73 11.27 1.23
CA GLN B 193 2.83 11.97 0.32
C GLN B 193 2.43 11.06 -0.84
N TYR B 194 3.41 10.41 -1.44
CA TYR B 194 3.07 9.54 -2.57
C TYR B 194 2.23 8.35 -2.09
N LYS B 195 2.57 7.78 -0.92
CA LYS B 195 1.78 6.64 -0.42
C LYS B 195 0.34 7.05 -0.19
N ARG B 196 0.15 8.23 0.38
N ARG B 196 0.14 8.22 0.38
CA ARG B 196 -1.21 8.67 0.69
CA ARG B 196 -1.21 8.65 0.70
C ARG B 196 -2.01 8.89 -0.57
C ARG B 196 -2.02 8.89 -0.57
N THR B 197 -1.39 9.44 -1.62
CA THR B 197 -2.09 9.63 -2.88
C THR B 197 -2.38 8.29 -3.55
N MET B 198 -1.44 7.36 -3.51
CA MET B 198 -1.71 6.04 -4.05
C MET B 198 -2.87 5.37 -3.31
N PHE B 199 -2.97 5.59 -2.00
CA PHE B 199 -4.07 5.03 -1.23
C PHE B 199 -5.39 5.67 -1.64
N TRP B 200 -5.41 6.99 -1.76
CA TRP B 200 -6.62 7.70 -2.15
C TRP B 200 -7.06 7.25 -3.55
N LEU B 201 -6.11 6.98 -4.44
CA LEU B 201 -6.45 6.53 -5.79
C LEU B 201 -7.13 5.18 -5.78
N GLU B 202 -6.59 4.25 -5.01
CA GLU B 202 -7.11 2.88 -5.05
C GLU B 202 -8.39 2.76 -4.24
N PHE B 203 -8.44 3.42 -3.08
CA PHE B 203 -9.44 3.15 -2.08
C PHE B 203 -10.46 4.24 -1.86
N GLU B 204 -10.29 5.43 -2.47
CA GLU B 204 -11.18 6.55 -2.16
C GLU B 204 -11.86 7.16 -3.39
N ILE B 205 -11.10 7.54 -4.43
CA ILE B 205 -11.69 8.40 -5.47
C ILE B 205 -12.91 7.72 -6.14
N ARG B 206 -12.77 6.49 -6.62
CA ARG B 206 -13.88 5.84 -7.31
C ARG B 206 -15.03 5.55 -6.36
N GLN B 207 -14.71 4.99 -5.20
CA GLN B 207 -15.71 4.55 -4.22
C GLN B 207 -16.51 5.73 -3.69
N TYR B 208 -15.86 6.86 -3.49
CA TYR B 208 -16.58 8.00 -2.91
C TYR B 208 -17.30 8.81 -3.99
N THR B 209 -16.66 9.11 -5.12
CA THR B 209 -17.30 9.97 -6.10
C THR B 209 -18.44 9.28 -6.84
N HIS B 210 -18.53 7.94 -6.78
CA HIS B 210 -19.69 7.28 -7.34
C HIS B 210 -20.50 6.56 -6.27
N SER B 211 -20.50 7.09 -5.04
CA SER B 211 -21.26 6.48 -3.97
C SER B 211 -22.74 6.89 -4.08
N ASN B 212 -23.58 6.23 -3.28
CA ASN B 212 -25.02 6.27 -3.45
C ASN B 212 -25.62 7.43 -2.67
N ILE B 213 -25.52 8.62 -3.26
CA ILE B 213 -26.19 9.83 -2.81
C ILE B 213 -27.06 10.31 -3.97
N THR B 214 -28.31 10.68 -3.67
CA THR B 214 -29.24 11.18 -4.67
C THR B 214 -29.64 12.58 -4.23
N LEU B 215 -30.21 13.33 -5.17
CA LEU B 215 -30.72 14.67 -4.84
C LEU B 215 -31.81 14.59 -3.78
N ASP B 216 -32.57 13.49 -3.78
CA ASP B 216 -33.61 13.28 -2.77
C ASP B 216 -33.00 13.22 -1.37
N ASP B 217 -31.75 12.75 -1.24
CA ASP B 217 -31.11 12.77 0.07
C ASP B 217 -30.92 14.19 0.60
N PHE B 218 -30.73 15.16 -0.29
CA PHE B 218 -30.54 16.55 0.14
C PHE B 218 -31.89 17.24 0.39
N THR B 219 -32.88 16.96 -0.45
CA THR B 219 -34.13 17.71 -0.30
C THR B 219 -34.79 17.40 1.04
N LYS B 220 -34.60 16.20 1.59
CA LYS B 220 -35.26 15.90 2.87
C LYS B 220 -34.81 16.84 3.97
N TYR B 221 -33.59 17.37 3.88
N TYR B 221 -33.58 17.36 3.89
CA TYR B 221 -33.00 18.23 4.92
CA TYR B 221 -32.98 18.22 4.91
C TYR B 221 -32.46 19.51 4.31
C TYR B 221 -32.45 19.51 4.31
N SER B 222 -33.15 20.05 3.30
CA SER B 222 -32.60 21.18 2.57
C SER B 222 -32.35 22.39 3.47
N ASP B 223 -33.16 22.57 4.52
CA ASP B 223 -32.98 23.74 5.36
C ASP B 223 -31.63 23.75 6.07
N LYS B 224 -30.97 22.60 6.19
CA LYS B 224 -29.73 22.50 6.93
C LYS B 224 -28.50 22.68 6.07
N ILE B 225 -28.62 22.71 4.75
CA ILE B 225 -27.49 22.53 3.84
C ILE B 225 -27.05 23.86 3.22
N THR B 226 -25.75 24.11 3.22
CA THR B 226 -25.12 25.16 2.43
C THR B 226 -24.09 24.53 1.48
N LEU B 227 -24.13 24.92 0.22
CA LEU B 227 -23.11 24.55 -0.75
C LEU B 227 -22.08 25.68 -0.84
N LEU B 228 -20.80 25.32 -0.85
CA LEU B 228 -19.75 26.33 -0.89
C LEU B 228 -18.89 26.17 -2.14
N ASN B 229 -18.74 27.30 -2.86
CA ASN B 229 -17.85 27.44 -4.01
C ASN B 229 -16.74 28.44 -3.68
N GLY B 230 -15.49 28.07 -3.94
CA GLY B 230 -14.40 29.02 -3.77
C GLY B 230 -14.40 30.10 -4.82
N THR B 231 -13.91 31.27 -4.43
CA THR B 231 -13.81 32.37 -5.38
C THR B 231 -12.62 32.22 -6.33
N ASP B 232 -11.63 31.40 -5.97
CA ASP B 232 -10.40 31.27 -6.74
C ASP B 232 -10.33 29.95 -7.50
N SER B 233 -11.43 29.21 -7.50
CA SER B 233 -11.54 27.93 -8.19
C SER B 233 -12.71 27.92 -9.17
N ARG B 234 -13.10 29.09 -9.67
N ARG B 234 -13.11 29.09 -9.64
CA ARG B 234 -14.16 29.13 -10.65
CA ARG B 234 -14.14 29.17 -10.67
C ARG B 234 -13.77 28.33 -11.89
C ARG B 234 -13.76 28.31 -11.87
N GLY B 235 -14.78 27.70 -12.49
CA GLY B 235 -14.58 26.89 -13.67
C GLY B 235 -14.24 25.44 -13.41
N SER B 236 -13.98 25.08 -12.17
CA SER B 236 -13.61 23.71 -11.86
C SER B 236 -14.82 22.81 -11.68
N PHE B 237 -14.60 21.51 -11.88
CA PHE B 237 -15.69 20.54 -11.85
C PHE B 237 -16.48 20.58 -10.54
N PRO B 238 -15.88 20.67 -9.36
CA PRO B 238 -16.70 20.64 -8.15
C PRO B 238 -17.71 21.77 -8.10
N GLN B 239 -17.39 22.92 -8.70
CA GLN B 239 -18.37 24.01 -8.71
C GLN B 239 -19.57 23.66 -9.57
N ASP B 240 -19.33 22.92 -10.66
CA ASP B 240 -20.44 22.46 -11.51
C ASP B 240 -21.34 21.49 -10.73
N VAL B 241 -20.76 20.66 -9.86
CA VAL B 241 -21.59 19.80 -9.03
C VAL B 241 -22.51 20.64 -8.16
N ASN B 242 -21.97 21.69 -7.53
CA ASN B 242 -22.81 22.54 -6.70
C ASN B 242 -23.85 23.27 -7.54
N PHE B 243 -23.49 23.72 -8.75
CA PHE B 243 -24.48 24.40 -9.58
C PHE B 243 -25.64 23.47 -9.88
N TYR B 244 -25.35 22.19 -10.11
CA TYR B 244 -26.41 21.25 -10.43
C TYR B 244 -27.30 21.01 -9.21
N ILE B 245 -26.69 20.79 -8.06
CA ILE B 245 -27.49 20.63 -6.85
C ILE B 245 -28.42 21.82 -6.67
N ASN B 246 -27.86 23.03 -6.77
CA ASN B 246 -28.64 24.23 -6.56
C ASN B 246 -29.76 24.35 -7.58
N LYS B 247 -29.47 24.06 -8.85
CA LYS B 247 -30.47 24.20 -9.89
C LYS B 247 -31.64 23.26 -9.64
N GLU B 248 -31.36 22.04 -9.18
CA GLU B 248 -32.43 21.07 -9.04
C GLU B 248 -33.17 21.18 -7.71
N THR B 249 -32.53 21.71 -6.67
CA THR B 249 -33.08 21.70 -5.32
C THR B 249 -33.31 23.08 -4.73
N GLY B 250 -32.70 24.13 -5.26
CA GLY B 250 -32.78 25.45 -4.62
C GLY B 250 -31.90 25.64 -3.41
N ILE B 251 -31.19 24.60 -2.97
CA ILE B 251 -30.26 24.75 -1.86
C ILE B 251 -29.22 25.80 -2.22
N PRO B 252 -28.94 26.77 -1.36
CA PRO B 252 -28.15 27.93 -1.77
C PRO B 252 -26.67 27.63 -1.87
N ILE B 253 -26.03 28.37 -2.78
CA ILE B 253 -24.59 28.40 -2.93
C ILE B 253 -24.10 29.67 -2.26
N VAL B 254 -23.11 29.52 -1.39
CA VAL B 254 -22.41 30.64 -0.79
C VAL B 254 -20.98 30.62 -1.35
N ASP B 255 -20.52 31.76 -1.82
CA ASP B 255 -19.16 31.91 -2.32
C ASP B 255 -18.24 32.22 -1.15
N ILE B 256 -17.05 31.63 -1.17
CA ILE B 256 -16.16 31.71 -0.01
C ILE B 256 -14.73 31.89 -0.53
N PRO B 257 -13.90 32.71 0.13
CA PRO B 257 -12.56 32.97 -0.40
C PRO B 257 -11.69 31.74 -0.58
N GLY B 258 -10.75 31.88 -1.49
CA GLY B 258 -9.80 30.83 -1.78
C GLY B 258 -10.32 29.89 -2.85
N GLY B 259 -9.50 28.90 -3.16
CA GLY B 259 -9.87 27.90 -4.14
C GLY B 259 -10.31 26.61 -3.49
N HIS B 260 -9.99 25.48 -4.13
CA HIS B 260 -10.30 24.20 -3.50
C HIS B 260 -9.72 24.10 -2.09
N LEU B 261 -8.54 24.65 -1.87
CA LEU B 261 -7.90 24.63 -0.55
C LEU B 261 -8.07 25.99 0.16
N GLY B 262 -9.21 26.64 -0.03
CA GLY B 262 -9.38 28.00 0.45
C GLY B 262 -9.30 28.15 1.97
N TYR B 263 -9.69 27.12 2.72
CA TYR B 263 -9.69 27.16 4.19
C TYR B 263 -8.29 27.32 4.76
N ILE B 264 -7.26 26.93 4.02
CA ILE B 264 -5.90 27.16 4.46
C ILE B 264 -5.20 28.24 3.63
N GLN B 265 -5.66 28.49 2.40
CA GLN B 265 -5.14 29.64 1.65
C GLN B 265 -5.54 30.96 2.28
N LYS B 266 -6.80 31.06 2.71
CA LYS B 266 -7.41 32.33 3.16
C LYS B 266 -8.23 32.08 4.42
N PRO B 267 -7.59 31.69 5.52
CA PRO B 267 -8.38 31.27 6.69
C PRO B 267 -9.24 32.38 7.25
N GLU B 268 -8.76 33.62 7.22
CA GLU B 268 -9.54 34.72 7.79
C GLU B 268 -10.81 34.96 6.97
N GLY B 269 -10.68 35.07 5.64
CA GLY B 269 -11.85 35.29 4.81
C GLY B 269 -12.80 34.11 4.81
N PHE B 270 -12.25 32.90 4.79
CA PHE B 270 -13.06 31.68 4.89
C PHE B 270 -13.87 31.70 6.18
N ALA B 271 -13.21 32.01 7.30
CA ALA B 271 -13.89 32.06 8.59
C ALA B 271 -14.99 33.11 8.59
N ASP B 272 -14.73 34.28 8.00
CA ASP B 272 -15.70 35.37 8.02
C ASP B 272 -17.02 34.90 7.40
N VAL B 273 -16.95 34.14 6.29
CA VAL B 273 -18.16 33.63 5.66
C VAL B 273 -18.85 32.59 6.53
N LEU B 274 -18.08 31.67 7.12
CA LEU B 274 -18.68 30.68 8.00
C LEU B 274 -19.37 31.35 9.18
N LEU B 275 -18.78 32.42 9.70
CA LEU B 275 -19.41 33.11 10.82
C LEU B 275 -20.67 33.82 10.38
N ASN B 276 -20.67 34.37 9.17
CA ASN B 276 -21.89 34.95 8.64
C ASN B 276 -22.99 33.89 8.48
N MET B 277 -22.61 32.68 8.01
CA MET B 277 -23.58 31.59 7.86
C MET B 277 -24.14 31.13 9.20
N TRP B 278 -23.27 30.89 10.18
CA TRP B 278 -23.60 30.06 11.33
C TRP B 278 -23.35 30.70 12.66
N GLY B 279 -22.65 31.82 12.72
CA GLY B 279 -22.40 32.47 13.99
C GLY B 279 -23.56 33.31 14.49
#